data_3ULZ
#
_entry.id   3ULZ
#
_cell.length_a   70.249
_cell.length_b   75.593
_cell.length_c   71.938
_cell.angle_alpha   90.00
_cell.angle_beta   93.08
_cell.angle_gamma   90.00
#
_symmetry.space_group_name_H-M   'C 1 2 1'
#
loop_
_entity.id
_entity.type
_entity.pdbx_description
1 polymer 'BRASSINOSTEROID INSENSITIVE 1-associated receptor kinase 1'
2 water water
#
_entity_poly.entity_id   1
_entity_poly.type   'polypeptide(L)'
_entity_poly.pdbx_seq_one_letter_code
;FFDVPAEEDPEVHLGQLKRFSLRELQVASDNF(SEP)NKNILGRGGFGKVYKGRLADG(TPO)LVAVKRLKEERTQGGEL
QFQTEVEMISMAVHRNLLRLRGFCMTPTERLLVYPYMANGSVASCLRERPESQPPLDWPKRQRIALGSARGLAYLHDHCD
PKIIHRDVKAANILLDEEFEAVVGDFGLAKLMDYKD(TPO)HV(TPO)(TPO)AVRG(TPO)IGHIAPEYLSTGKSSEKT
DVFGYGVMLLELITGQRAFDLARLANDDDVMLLDWVKGLLKEKKLEALVDVDLQGNYKDEEVEQLIQVALLCTQSSPMER
PKMSEVVRMLEGDGLAERWEEWQKEEMFRQ
;
_entity_poly.pdbx_strand_id   A
#
# COMPACT_ATOMS: atom_id res chain seq x y z
N GLY A 15 -15.48 25.50 1.75
CA GLY A 15 -15.35 24.91 0.43
C GLY A 15 -14.99 23.45 0.65
N GLN A 16 -13.75 23.06 0.28
CA GLN A 16 -13.12 21.86 0.90
C GLN A 16 -11.66 21.48 0.55
N LEU A 17 -10.79 22.44 0.28
CA LEU A 17 -9.39 22.11 -0.08
C LEU A 17 -8.37 23.21 0.15
N LYS A 18 -7.28 22.92 0.91
CA LYS A 18 -6.55 23.94 1.69
C LYS A 18 -5.14 24.38 1.30
N ARG A 19 -5.04 25.55 0.67
CA ARG A 19 -3.80 26.33 0.59
C ARG A 19 -3.22 26.57 1.97
N PHE A 20 -1.93 26.44 2.15
CA PHE A 20 -1.42 26.85 3.44
C PHE A 20 -0.37 27.89 3.33
N SER A 21 -0.09 28.54 4.45
CA SER A 21 0.94 29.55 4.45
C SER A 21 2.25 29.03 5.04
N LEU A 22 2.68 27.84 4.59
CA LEU A 22 3.95 27.21 5.05
C LEU A 22 4.47 27.55 6.46
N ARG A 23 5.17 28.66 6.58
CA ARG A 23 5.67 29.05 7.87
C ARG A 23 4.62 28.59 8.91
N GLU A 24 3.38 29.04 8.75
CA GLU A 24 2.21 28.61 9.53
C GLU A 24 2.12 27.08 9.65
N LEU A 25 2.98 26.39 8.91
CA LEU A 25 3.01 24.96 9.02
C LEU A 25 4.37 24.49 9.47
N GLN A 26 5.40 25.33 9.30
CA GLN A 26 6.73 25.04 9.85
C GLN A 26 6.43 24.80 11.28
N VAL A 27 5.65 25.73 11.77
CA VAL A 27 5.45 25.81 13.17
C VAL A 27 4.44 24.76 13.66
N ALA A 28 3.88 24.00 12.73
CA ALA A 28 2.88 23.04 13.09
C ALA A 28 3.63 21.74 13.04
N SER A 29 4.90 21.88 12.69
CA SER A 29 5.74 20.71 12.62
C SER A 29 7.04 21.08 13.40
N ASP A 30 6.89 22.10 14.26
CA ASP A 30 8.00 22.65 15.05
C ASP A 30 9.27 22.79 14.25
N ASN A 31 9.41 23.90 13.50
CA ASN A 31 10.56 24.09 12.60
C ASN A 31 10.98 22.74 11.95
N PHE A 32 9.95 22.01 11.49
CA PHE A 32 10.05 20.65 10.93
C PHE A 32 10.93 19.65 11.68
N SEP A 33 11.87 19.10 10.92
CA SEP A 33 12.59 17.89 11.21
CB SEP A 33 13.95 18.11 10.69
OG SEP A 33 14.53 17.11 9.95
C SEP A 33 12.73 17.37 12.60
O SEP A 33 12.06 17.72 13.58
P SEP A 33 15.97 17.32 9.35
O1P SEP A 33 15.93 18.47 8.37
O2P SEP A 33 16.92 17.62 10.48
O3P SEP A 33 16.43 16.09 8.59
N ASN A 34 13.67 16.44 12.68
CA ASN A 34 14.02 15.80 13.92
C ASN A 34 12.91 14.85 14.31
N LYS A 35 12.49 14.98 15.54
CA LYS A 35 11.58 14.02 16.14
C LYS A 35 10.16 14.15 15.53
N ASN A 36 10.12 14.87 14.41
CA ASN A 36 8.90 14.99 13.68
C ASN A 36 8.82 13.99 12.53
N ILE A 37 9.94 13.39 12.13
CA ILE A 37 9.95 12.47 10.98
C ILE A 37 9.22 11.15 11.19
N LEU A 38 8.11 10.97 10.44
CA LEU A 38 7.45 9.65 10.32
C LEU A 38 7.96 8.89 9.09
N GLY A 39 9.03 9.40 8.52
CA GLY A 39 9.87 8.61 7.64
C GLY A 39 10.48 9.52 6.60
N ARG A 40 11.73 9.25 6.20
CA ARG A 40 12.36 10.00 5.10
C ARG A 40 11.69 9.70 3.77
N GLY A 41 10.70 10.54 3.43
CA GLY A 41 9.80 10.30 2.32
C GLY A 41 10.42 10.31 0.95
N GLY A 42 9.56 10.26 -0.05
CA GLY A 42 9.96 9.91 -1.41
C GLY A 42 10.48 11.02 -2.29
N PHE A 43 10.15 12.24 -1.92
CA PHE A 43 10.68 13.42 -2.57
C PHE A 43 11.02 14.31 -1.40
N GLY A 44 11.64 13.67 -0.41
CA GLY A 44 11.91 14.27 0.89
C GLY A 44 11.44 13.49 2.13
N LYS A 45 10.31 13.89 2.71
CA LYS A 45 9.99 13.46 4.07
C LYS A 45 8.55 13.73 4.58
N VAL A 46 7.98 12.69 5.18
CA VAL A 46 6.76 12.72 5.96
C VAL A 46 7.06 13.24 7.37
N TYR A 47 6.29 14.24 7.77
CA TYR A 47 6.39 14.88 9.08
C TYR A 47 5.10 14.83 9.92
N LYS A 48 5.21 14.58 11.21
CA LYS A 48 4.03 14.66 12.09
C LYS A 48 3.61 16.12 12.32
N GLY A 49 2.36 16.33 12.71
CA GLY A 49 1.83 17.68 12.65
C GLY A 49 0.45 17.96 13.22
N ARG A 50 0.41 19.08 13.93
CA ARG A 50 -0.75 19.56 14.60
C ARG A 50 -1.19 20.82 13.92
N LEU A 51 -2.21 20.73 13.07
CA LEU A 51 -2.77 21.92 12.46
C LEU A 51 -2.89 23.01 13.51
N ALA A 52 -3.37 24.18 13.12
CA ALA A 52 -3.54 25.30 14.04
C ALA A 52 -4.45 24.88 15.20
N ASP A 53 -5.48 24.11 14.85
CA ASP A 53 -6.46 23.62 15.80
C ASP A 53 -5.48 22.57 16.32
N GLY A 54 -5.58 21.16 16.28
CA GLY A 54 -4.56 20.58 17.15
C GLY A 54 -4.74 19.38 16.24
N TPO A 55 -5.41 19.24 15.16
CA TPO A 55 -5.26 18.16 14.16
CB TPO A 55 -6.13 18.41 12.93
CG2 TPO A 55 -7.39 17.57 12.94
OG1 TPO A 55 -6.47 19.77 12.81
P TPO A 55 -7.33 20.35 11.61
O1P TPO A 55 -8.48 21.16 12.17
O2P TPO A 55 -6.52 21.27 10.70
O3P TPO A 55 -7.92 19.21 10.80
C TPO A 55 -3.82 17.71 13.89
O TPO A 55 -3.01 18.31 13.21
N LEU A 56 -3.59 16.44 13.63
CA LEU A 56 -2.51 15.55 13.16
C LEU A 56 -2.54 15.31 11.68
N VAL A 57 -1.48 15.82 11.17
CA VAL A 57 -1.27 15.64 9.75
C VAL A 57 0.15 15.24 9.47
N ALA A 58 0.04 14.25 8.56
CA ALA A 58 1.28 13.84 7.98
C ALA A 58 1.43 14.76 6.84
N VAL A 59 2.37 15.65 7.02
CA VAL A 59 2.76 16.46 5.90
C VAL A 59 3.97 15.87 5.13
N LYS A 60 3.86 15.76 3.80
CA LYS A 60 4.99 15.40 2.93
C LYS A 60 5.71 16.72 2.46
N ARG A 61 7.05 16.70 2.51
CA ARG A 61 7.94 17.80 2.08
C ARG A 61 8.52 17.48 0.69
N LEU A 62 8.81 18.48 -0.13
CA LEU A 62 9.61 18.22 -1.33
C LEU A 62 11.05 18.56 -0.97
N LYS A 63 12.03 17.90 -1.61
CA LYS A 63 13.43 18.39 -1.62
C LYS A 63 13.99 18.25 -3.01
N GLU A 64 14.93 19.18 -3.40
CA GLU A 64 15.45 19.47 -4.78
C GLU A 64 14.90 18.61 -5.90
N GLY A 70 13.12 14.14 -13.43
CA GLY A 70 12.12 15.20 -13.52
C GLY A 70 11.43 15.65 -12.22
N GLU A 71 10.10 15.83 -12.32
CA GLU A 71 9.19 16.28 -11.19
C GLU A 71 7.60 16.36 -11.35
N LEU A 72 7.01 17.46 -10.85
CA LEU A 72 5.53 17.75 -10.65
C LEU A 72 4.61 16.60 -10.50
N GLN A 73 5.09 15.38 -10.28
CA GLN A 73 4.18 14.25 -9.98
C GLN A 73 3.45 14.71 -8.72
N PHE A 74 3.66 15.99 -8.52
CA PHE A 74 2.99 16.79 -7.57
C PHE A 74 1.59 16.89 -8.12
N GLN A 75 1.26 18.11 -8.55
CA GLN A 75 -0.03 18.41 -9.15
C GLN A 75 -0.81 17.18 -9.44
N THR A 76 -0.16 16.12 -9.92
CA THR A 76 -0.97 14.95 -10.20
C THR A 76 -1.56 14.25 -8.98
N GLU A 77 -1.13 14.61 -7.76
CA GLU A 77 -1.85 14.15 -6.53
C GLU A 77 -2.54 15.30 -5.75
N VAL A 78 -2.41 16.48 -6.24
CA VAL A 78 -3.23 17.57 -5.84
C VAL A 78 -4.54 17.42 -6.61
N GLU A 79 -4.45 17.10 -7.89
CA GLU A 79 -5.62 17.09 -8.70
C GLU A 79 -6.17 15.74 -8.47
N MET A 80 -5.66 15.09 -7.42
CA MET A 80 -6.06 13.69 -7.14
C MET A 80 -7.43 13.45 -6.54
N ILE A 81 -7.78 14.26 -5.55
CA ILE A 81 -9.01 14.14 -4.81
C ILE A 81 -10.20 14.52 -5.66
N SER A 82 -9.93 15.43 -6.57
CA SER A 82 -10.94 15.97 -7.49
C SER A 82 -11.30 14.94 -8.55
N MET A 83 -10.67 13.76 -8.47
CA MET A 83 -11.09 12.58 -9.18
C MET A 83 -11.25 11.34 -8.38
N ALA A 84 -10.77 11.33 -7.13
CA ALA A 84 -10.70 10.08 -6.34
C ALA A 84 -10.82 10.15 -4.76
N VAL A 85 -12.07 9.95 -4.35
CA VAL A 85 -12.46 9.96 -2.97
C VAL A 85 -13.08 8.64 -2.76
N HIS A 86 -12.71 7.94 -1.72
CA HIS A 86 -13.33 6.69 -1.36
C HIS A 86 -12.66 6.72 -0.06
N ARG A 87 -13.13 5.88 0.80
CA ARG A 87 -12.79 6.05 2.18
C ARG A 87 -11.78 5.01 2.53
N ASN A 88 -11.40 4.20 1.57
CA ASN A 88 -10.26 3.40 1.75
C ASN A 88 -9.17 4.03 0.85
N LEU A 89 -9.10 5.36 0.73
CA LEU A 89 -8.04 6.08 0.04
C LEU A 89 -7.68 7.30 0.77
N LEU A 90 -6.40 7.46 1.13
CA LEU A 90 -6.05 8.56 1.94
C LEU A 90 -6.36 9.82 1.19
N ARG A 91 -6.78 10.85 1.93
CA ARG A 91 -7.42 11.97 1.40
C ARG A 91 -6.54 13.12 1.82
N LEU A 92 -6.16 13.95 0.87
CA LEU A 92 -5.25 15.08 1.08
C LEU A 92 -5.93 16.27 1.72
N ARG A 93 -5.35 16.88 2.73
CA ARG A 93 -6.17 17.84 3.47
C ARG A 93 -6.08 19.09 2.64
N GLY A 94 -4.84 19.33 2.19
CA GLY A 94 -4.44 20.59 1.58
C GLY A 94 -2.96 20.58 1.19
N PHE A 95 -2.42 21.73 0.84
CA PHE A 95 -1.12 21.73 0.16
C PHE A 95 -0.45 23.07 0.37
N CYS A 96 0.74 23.21 -0.23
CA CYS A 96 1.52 24.47 -0.28
C CYS A 96 2.22 24.72 -1.64
N MET A 97 2.12 25.92 -2.19
CA MET A 97 2.76 26.12 -3.51
C MET A 97 4.17 26.70 -3.36
N THR A 98 4.21 28.00 -3.11
CA THR A 98 5.41 28.83 -3.13
C THR A 98 6.27 28.61 -4.34
N PRO A 99 6.77 29.72 -4.84
CA PRO A 99 7.96 29.70 -5.68
C PRO A 99 9.09 28.70 -5.28
N THR A 100 9.02 27.96 -4.15
CA THR A 100 10.20 27.14 -3.79
C THR A 100 9.96 25.69 -3.56
N GLU A 101 9.61 25.29 -2.35
CA GLU A 101 9.29 23.88 -2.17
C GLU A 101 7.81 23.55 -2.14
N ARG A 102 7.54 22.26 -2.17
CA ARG A 102 6.17 21.78 -2.23
C ARG A 102 5.91 20.59 -1.27
N LEU A 103 4.74 20.66 -0.62
CA LEU A 103 4.26 19.72 0.42
C LEU A 103 2.78 19.30 0.34
N LEU A 104 2.48 18.16 0.97
CA LEU A 104 1.17 17.51 0.91
C LEU A 104 0.87 17.12 2.30
N VAL A 105 -0.30 17.57 2.73
CA VAL A 105 -0.93 17.29 4.00
C VAL A 105 -1.94 16.13 3.88
N TYR A 106 -1.62 15.04 4.47
CA TYR A 106 -2.60 14.07 4.67
C TYR A 106 -3.01 13.98 6.15
N PRO A 107 -4.22 13.50 6.43
CA PRO A 107 -4.57 13.20 7.81
C PRO A 107 -3.49 12.35 8.46
N TYR A 108 -2.95 12.75 9.61
CA TYR A 108 -2.10 11.86 10.39
C TYR A 108 -2.74 10.48 10.63
N MET A 109 -2.16 9.38 10.24
CA MET A 109 -2.81 8.10 10.63
C MET A 109 -2.37 7.46 11.94
N ALA A 110 -3.24 7.61 12.94
CA ALA A 110 -2.91 7.21 14.30
C ALA A 110 -2.05 5.96 14.32
N ASN A 111 -2.45 4.91 13.61
CA ASN A 111 -1.78 3.64 13.79
C ASN A 111 -0.78 3.30 12.63
N GLY A 112 -0.27 4.29 11.91
CA GLY A 112 0.62 3.96 10.80
C GLY A 112 0.42 2.77 9.80
N SER A 113 1.44 2.48 8.98
CA SER A 113 1.35 1.49 7.92
C SER A 113 1.07 0.12 8.43
N VAL A 114 0.69 -0.76 7.56
CA VAL A 114 0.48 -2.11 8.05
C VAL A 114 1.92 -2.60 8.40
N ALA A 115 2.95 -2.14 7.64
CA ALA A 115 4.34 -2.52 7.76
C ALA A 115 4.77 -2.16 9.09
N SER A 116 4.72 -0.86 9.32
CA SER A 116 5.02 -0.35 10.64
C SER A 116 4.41 -1.30 11.66
N CYS A 117 3.13 -1.58 11.59
CA CYS A 117 2.63 -2.61 12.49
C CYS A 117 3.26 -4.00 12.46
N LEU A 118 3.85 -4.40 11.34
CA LEU A 118 4.39 -5.76 11.31
C LEU A 118 5.91 -5.91 11.69
N ARG A 119 6.86 -5.10 11.15
CA ARG A 119 8.30 -5.16 11.52
C ARG A 119 8.55 -4.46 12.80
N GLU A 120 8.14 -3.20 12.73
CA GLU A 120 8.63 -2.13 13.58
C GLU A 120 7.58 -1.67 14.54
N ARG A 121 7.31 -2.53 15.50
CA ARG A 121 6.25 -2.28 16.46
C ARG A 121 6.92 -1.97 17.81
N PRO A 122 6.65 -0.76 18.31
CA PRO A 122 7.33 -0.14 19.44
C PRO A 122 6.92 -0.81 20.71
N GLU A 123 7.39 -0.24 21.84
CA GLU A 123 7.19 -0.76 23.20
C GLU A 123 6.63 -2.20 23.30
N SER A 124 5.48 -2.40 23.90
CA SER A 124 4.98 -3.76 23.88
C SER A 124 3.78 -3.85 22.97
N GLN A 125 3.61 -2.78 22.22
CA GLN A 125 2.59 -2.70 21.19
C GLN A 125 2.27 -4.04 20.61
N PRO A 126 0.97 -4.34 20.57
CA PRO A 126 0.33 -5.55 20.08
C PRO A 126 0.19 -5.55 18.54
N PRO A 127 0.34 -6.76 18.00
CA PRO A 127 0.36 -6.98 16.58
C PRO A 127 -1.06 -7.31 16.13
N LEU A 128 -1.32 -7.12 14.83
CA LEU A 128 -2.57 -7.33 14.20
C LEU A 128 -2.90 -8.77 14.41
N ASP A 129 -4.16 -9.06 14.81
CA ASP A 129 -4.67 -10.42 14.94
C ASP A 129 -5.22 -10.72 13.61
N TRP A 130 -5.77 -11.89 13.44
CA TRP A 130 -6.25 -12.27 12.12
C TRP A 130 -7.20 -11.15 11.71
N PRO A 131 -8.43 -11.19 12.12
CA PRO A 131 -9.48 -10.29 11.50
C PRO A 131 -9.15 -8.78 11.18
N LYS A 132 -8.28 -8.24 12.00
CA LYS A 132 -7.72 -6.97 11.62
C LYS A 132 -7.04 -7.21 10.21
N ARG A 133 -6.38 -8.35 10.09
CA ARG A 133 -5.62 -8.61 8.88
C ARG A 133 -6.68 -8.76 7.80
N GLN A 134 -7.62 -9.67 8.04
CA GLN A 134 -8.87 -9.78 7.27
C GLN A 134 -9.53 -8.42 6.80
N ARG A 135 -9.74 -7.57 7.78
CA ARG A 135 -10.23 -6.24 7.39
C ARG A 135 -9.38 -5.23 6.52
N ILE A 136 -8.06 -5.47 6.56
CA ILE A 136 -7.06 -4.63 5.84
C ILE A 136 -7.05 -5.22 4.51
N ALA A 137 -7.23 -6.53 4.45
CA ALA A 137 -7.14 -7.07 3.13
C ALA A 137 -8.26 -6.50 2.17
N LEU A 138 -9.53 -6.64 2.59
CA LEU A 138 -10.77 -6.11 1.93
C LEU A 138 -10.87 -4.58 1.70
N GLY A 139 -10.60 -3.83 2.74
CA GLY A 139 -10.73 -2.43 2.53
C GLY A 139 -9.78 -1.95 1.47
N SER A 140 -8.52 -2.37 1.59
CA SER A 140 -7.49 -2.02 0.55
C SER A 140 -7.88 -2.57 -0.77
N ALA A 141 -8.34 -3.81 -0.83
CA ALA A 141 -8.75 -4.36 -2.19
C ALA A 141 -9.81 -3.43 -2.77
N ARG A 142 -10.89 -3.19 -1.97
CA ARG A 142 -11.68 -1.98 -2.00
C ARG A 142 -11.24 -0.65 -2.52
N GLY A 143 -10.40 0.10 -1.90
CA GLY A 143 -10.00 1.34 -2.61
C GLY A 143 -9.33 0.96 -3.92
N LEU A 144 -8.80 -0.27 -4.02
CA LEU A 144 -8.03 -0.48 -5.26
C LEU A 144 -8.95 -0.63 -6.43
N ALA A 145 -9.91 -1.45 -6.19
CA ALA A 145 -11.08 -1.61 -7.06
C ALA A 145 -11.81 -0.28 -7.49
N TYR A 146 -11.79 0.71 -6.61
CA TYR A 146 -12.29 2.03 -7.00
C TYR A 146 -11.48 2.65 -7.97
N LEU A 147 -10.22 2.91 -7.64
CA LEU A 147 -9.17 3.39 -8.62
C LEU A 147 -9.23 2.78 -9.97
N HIS A 148 -9.35 1.46 -10.08
CA HIS A 148 -9.23 0.94 -11.43
C HIS A 148 -10.58 1.13 -12.14
N ASP A 149 -11.68 1.28 -11.40
CA ASP A 149 -13.00 1.05 -12.00
C ASP A 149 -14.09 2.15 -12.12
N HIS A 150 -14.00 3.19 -11.31
CA HIS A 150 -15.14 4.06 -10.98
C HIS A 150 -14.43 5.38 -10.99
N CYS A 151 -13.25 5.28 -11.60
CA CYS A 151 -12.53 6.47 -12.06
C CYS A 151 -12.30 6.44 -13.54
N ASP A 152 -12.48 7.63 -14.08
CA ASP A 152 -12.26 7.92 -15.48
C ASP A 152 -11.56 9.34 -15.63
N PRO A 153 -10.23 9.34 -16.00
CA PRO A 153 -9.34 8.23 -16.43
C PRO A 153 -9.13 7.12 -15.41
N LYS A 154 -8.89 5.85 -15.81
CA LYS A 154 -8.54 4.84 -14.79
C LYS A 154 -7.32 5.27 -13.93
N ILE A 155 -7.13 4.72 -12.75
CA ILE A 155 -5.93 5.12 -12.00
C ILE A 155 -5.18 4.01 -11.51
N ILE A 156 -3.89 4.08 -11.89
CA ILE A 156 -2.80 3.14 -11.58
C ILE A 156 -2.03 3.68 -10.50
N HIS A 157 -2.08 2.86 -9.50
CA HIS A 157 -1.48 3.27 -8.26
C HIS A 157 0.07 3.21 -8.18
N ARG A 158 0.65 2.06 -8.48
CA ARG A 158 2.10 1.92 -8.79
C ARG A 158 2.96 1.74 -7.52
N ASP A 159 2.30 1.36 -6.45
CA ASP A 159 2.95 1.42 -5.20
C ASP A 159 2.25 0.72 -4.10
N VAL A 160 1.72 -0.47 -4.39
CA VAL A 160 1.00 -1.23 -3.38
C VAL A 160 1.91 -2.11 -2.64
N LYS A 161 2.08 -1.72 -1.38
CA LYS A 161 2.82 -2.50 -0.44
C LYS A 161 2.39 -2.11 0.92
N ALA A 162 2.52 -3.05 1.85
CA ALA A 162 2.07 -2.79 3.20
C ALA A 162 2.47 -1.43 3.83
N ALA A 163 3.57 -0.94 3.34
CA ALA A 163 4.19 0.23 3.82
C ALA A 163 3.24 1.30 3.45
N ASN A 164 2.35 0.91 2.58
CA ASN A 164 1.66 1.95 1.81
C ASN A 164 0.17 1.99 2.09
N ILE A 165 -0.28 0.88 2.67
CA ILE A 165 -1.51 0.78 3.37
C ILE A 165 -1.53 1.39 4.81
N LEU A 166 -2.19 2.53 4.94
CA LEU A 166 -2.29 3.13 6.23
C LEU A 166 -3.46 2.65 7.20
N LEU A 167 -3.38 3.00 8.47
CA LEU A 167 -4.47 2.61 9.35
C LEU A 167 -5.00 3.69 10.29
N ASP A 168 -6.31 3.88 10.22
CA ASP A 168 -6.98 4.89 11.06
C ASP A 168 -7.13 4.33 12.46
N GLU A 169 -7.91 5.07 13.22
CA GLU A 169 -8.12 4.78 14.60
C GLU A 169 -8.78 3.44 14.85
N GLU A 170 -9.75 3.09 14.03
CA GLU A 170 -10.43 1.83 14.18
C GLU A 170 -9.90 0.77 13.26
N PHE A 171 -8.61 0.97 12.85
CA PHE A 171 -7.72 -0.02 12.17
C PHE A 171 -8.20 -0.37 10.78
N GLU A 172 -8.65 0.69 10.14
CA GLU A 172 -9.23 0.53 8.85
C GLU A 172 -8.13 0.90 7.97
N ALA A 173 -7.85 0.00 7.04
CA ALA A 173 -7.08 0.20 5.79
C ALA A 173 -7.40 1.41 4.98
N VAL A 174 -6.41 2.34 4.84
CA VAL A 174 -6.43 3.41 3.84
C VAL A 174 -5.29 3.46 2.79
N VAL A 175 -5.52 2.96 1.59
CA VAL A 175 -4.44 3.04 0.58
C VAL A 175 -3.97 4.46 0.40
N GLY A 176 -2.69 4.65 0.57
CA GLY A 176 -2.18 6.00 0.70
C GLY A 176 -1.03 6.34 -0.24
N ASP A 177 -0.36 7.47 -0.05
CA ASP A 177 0.79 7.74 -0.97
C ASP A 177 0.54 7.63 -2.48
N PHE A 178 0.07 8.72 -3.04
CA PHE A 178 -0.33 8.79 -4.43
C PHE A 178 0.80 9.34 -5.32
N GLY A 179 2.04 9.08 -4.90
CA GLY A 179 3.19 9.75 -5.48
C GLY A 179 3.87 8.88 -6.54
N LEU A 180 3.26 7.77 -6.98
CA LEU A 180 3.70 7.02 -8.14
C LEU A 180 2.58 6.64 -9.05
N ALA A 181 1.51 7.44 -8.99
CA ALA A 181 0.12 7.08 -9.32
C ALA A 181 -0.08 7.66 -10.67
N LYS A 182 -0.50 6.84 -11.61
CA LYS A 182 -0.72 7.35 -12.98
C LYS A 182 -2.15 7.14 -13.52
N LEU A 183 -2.79 8.22 -13.93
CA LEU A 183 -3.99 8.18 -14.78
C LEU A 183 -3.66 7.65 -16.14
N MET A 184 -4.42 6.63 -16.53
CA MET A 184 -4.52 6.15 -17.91
C MET A 184 -5.33 6.98 -18.88
N ASP A 185 -6.63 6.67 -18.87
CA ASP A 185 -7.49 6.66 -20.09
C ASP A 185 -7.01 5.65 -21.13
N TYR A 186 -6.00 6.03 -21.96
CA TYR A 186 -5.23 5.13 -22.89
C TYR A 186 -5.71 3.71 -22.75
N LYS A 187 -6.81 3.51 -23.48
CA LYS A 187 -7.77 2.46 -23.24
C LYS A 187 -7.48 1.70 -21.90
N ASP A 188 -7.34 0.43 -22.08
CA ASP A 188 -7.13 -0.30 -20.83
C ASP A 188 -5.67 -0.74 -20.82
N TPO A 189 -5.21 -0.95 -22.14
CA TPO A 189 -3.89 -1.30 -21.66
CB TPO A 189 -3.29 -2.38 -22.50
CG2 TPO A 189 -4.37 -2.97 -23.34
OG1 TPO A 189 -2.35 -1.83 -23.33
P TPO A 189 -1.07 -2.59 -23.82
O1P TPO A 189 -0.13 -1.62 -24.52
O2P TPO A 189 -0.34 -3.15 -22.63
O3P TPO A 189 -1.46 -3.68 -24.79
C TPO A 189 -3.00 -0.09 -21.59
O TPO A 189 -2.82 0.64 -22.56
N HIS A 190 -2.16 -0.44 -20.53
CA HIS A 190 -0.98 0.10 -19.79
C HIS A 190 -0.73 1.61 -19.78
N VAL A 191 0.08 2.09 -18.80
CA VAL A 191 0.82 3.39 -18.87
C VAL A 191 2.36 3.26 -18.94
N TPO A 192 2.83 3.71 -20.07
CA TPO A 192 4.27 3.50 -20.35
CB TPO A 192 4.52 3.35 -21.86
CG2 TPO A 192 4.72 1.91 -22.24
OG1 TPO A 192 3.48 3.91 -22.60
P TPO A 192 3.47 3.94 -24.19
O1P TPO A 192 2.17 3.37 -24.70
O2P TPO A 192 3.59 5.36 -24.74
O3P TPO A 192 4.59 3.09 -24.72
C TPO A 192 5.23 4.42 -19.59
O TPO A 192 5.44 5.59 -19.86
N TPO A 193 5.84 3.85 -18.57
CA TPO A 193 6.43 4.65 -17.50
CB TPO A 193 5.36 5.11 -16.49
CG2 TPO A 193 5.13 4.13 -15.35
OG1 TPO A 193 5.48 6.42 -15.99
P TPO A 193 6.81 7.09 -15.49
O1P TPO A 193 6.61 8.58 -15.64
O2P TPO A 193 7.10 6.84 -14.02
O3P TPO A 193 7.99 6.76 -16.40
C TPO A 193 7.58 3.92 -16.84
O TPO A 193 7.57 2.69 -16.74
N ALA A 194 8.57 4.68 -16.38
CA ALA A 194 9.84 4.12 -15.90
C ALA A 194 9.79 3.32 -14.60
N VAL A 195 10.08 2.03 -14.72
CA VAL A 195 9.96 1.06 -13.60
C VAL A 195 10.51 1.53 -12.26
N ARG A 196 9.71 2.18 -11.43
CA ARG A 196 10.18 2.48 -10.05
C ARG A 196 9.30 1.93 -8.90
N GLY A 197 9.90 1.86 -7.72
CA GLY A 197 9.31 1.24 -6.54
C GLY A 197 10.42 0.44 -5.88
N TPO A 198 10.08 -0.61 -5.11
CA TPO A 198 11.08 -1.59 -4.71
CB TPO A 198 11.47 -1.62 -3.23
CG2 TPO A 198 12.24 -0.38 -2.81
OG1 TPO A 198 10.44 -1.95 -2.34
P TPO A 198 9.84 -3.44 -2.27
O1P TPO A 198 9.05 -3.60 -3.57
O2P TPO A 198 11.02 -4.45 -2.27
O3P TPO A 198 8.76 -3.70 -1.21
C TPO A 198 10.76 -2.96 -5.34
O TPO A 198 9.63 -3.22 -5.76
N ILE A 199 11.77 -3.84 -5.32
CA ILE A 199 11.86 -5.11 -6.05
C ILE A 199 10.71 -6.13 -5.93
N GLY A 200 10.36 -6.40 -4.67
CA GLY A 200 9.51 -7.53 -4.33
C GLY A 200 8.04 -7.29 -4.60
N HIS A 201 7.78 -6.03 -4.86
CA HIS A 201 6.52 -5.59 -5.36
C HIS A 201 6.22 -5.42 -6.85
N ILE A 202 7.22 -5.60 -7.75
CA ILE A 202 7.13 -5.47 -9.23
C ILE A 202 6.79 -6.78 -9.86
N ALA A 203 5.69 -6.74 -10.59
CA ALA A 203 5.16 -7.72 -11.53
C ALA A 203 6.18 -8.07 -12.60
N PRO A 204 6.24 -9.35 -12.95
CA PRO A 204 7.41 -9.66 -13.80
C PRO A 204 7.43 -8.87 -15.14
N GLU A 205 6.24 -8.76 -15.74
CA GLU A 205 6.06 -8.18 -17.05
C GLU A 205 6.29 -6.68 -16.90
N TYR A 206 6.09 -6.19 -15.71
CA TYR A 206 6.21 -4.76 -15.51
C TYR A 206 7.71 -4.63 -15.73
N LEU A 207 8.41 -5.42 -14.93
CA LEU A 207 9.88 -5.41 -14.86
C LEU A 207 10.47 -5.63 -16.25
N SER A 208 9.99 -6.68 -16.90
CA SER A 208 10.37 -7.03 -18.25
C SER A 208 10.14 -5.93 -19.28
N THR A 209 9.18 -5.03 -19.03
CA THR A 209 8.45 -4.37 -20.13
C THR A 209 8.08 -2.90 -20.07
N GLY A 210 8.36 -2.21 -18.98
CA GLY A 210 8.21 -0.78 -18.90
C GLY A 210 6.82 -0.24 -18.55
N LYS A 211 5.80 -1.07 -18.78
CA LYS A 211 4.39 -0.69 -18.69
C LYS A 211 3.70 -1.15 -17.37
N SER A 212 3.04 -0.15 -16.72
CA SER A 212 2.17 -0.41 -15.58
C SER A 212 0.65 -0.43 -16.01
N SER A 213 -0.22 -0.62 -15.07
CA SER A 213 -1.43 -1.21 -15.51
C SER A 213 -2.23 -1.75 -14.30
N GLU A 214 -3.52 -1.70 -14.40
CA GLU A 214 -4.29 -2.30 -13.33
C GLU A 214 -3.79 -3.71 -13.00
N LYS A 215 -3.04 -4.31 -13.91
CA LYS A 215 -2.79 -5.70 -13.65
C LYS A 215 -1.43 -5.87 -12.89
N THR A 216 -0.69 -4.75 -12.83
CA THR A 216 0.47 -4.73 -12.06
C THR A 216 0.20 -4.29 -10.59
N ASP A 217 -0.72 -3.32 -10.36
CA ASP A 217 -1.41 -3.04 -9.04
C ASP A 217 -1.90 -4.33 -8.31
N VAL A 218 -2.52 -5.22 -9.07
CA VAL A 218 -2.91 -6.52 -8.54
C VAL A 218 -1.77 -7.27 -7.85
N PHE A 219 -0.89 -7.93 -8.68
CA PHE A 219 0.49 -8.31 -8.35
C PHE A 219 1.08 -7.64 -7.06
N GLY A 220 1.33 -6.33 -7.17
CA GLY A 220 1.68 -5.56 -6.02
C GLY A 220 0.75 -5.95 -4.85
N TYR A 221 -0.59 -5.85 -5.10
CA TYR A 221 -1.53 -6.05 -4.06
C TYR A 221 -1.35 -7.43 -3.49
N GLY A 222 -1.42 -8.42 -4.39
CA GLY A 222 -1.25 -9.78 -3.91
C GLY A 222 0.07 -9.89 -3.03
N VAL A 223 1.18 -9.23 -3.37
CA VAL A 223 2.38 -9.34 -2.51
C VAL A 223 2.24 -8.72 -1.13
N MET A 224 1.75 -7.48 -1.08
CA MET A 224 1.09 -7.00 0.19
C MET A 224 0.31 -8.11 0.98
N LEU A 225 -0.58 -8.88 0.35
CA LEU A 225 -1.16 -9.88 1.18
C LEU A 225 -0.15 -10.73 1.86
N LEU A 226 0.95 -10.99 1.20
CA LEU A 226 1.86 -11.99 1.70
C LEU A 226 2.64 -11.37 2.85
N GLU A 227 2.98 -10.10 2.65
CA GLU A 227 3.44 -9.38 3.76
C GLU A 227 2.51 -9.57 4.94
N LEU A 228 1.22 -9.30 4.69
CA LEU A 228 0.32 -8.96 5.77
C LEU A 228 0.01 -10.29 6.50
N ILE A 229 -0.08 -11.34 5.69
CA ILE A 229 -0.04 -12.72 6.12
C ILE A 229 1.17 -13.16 6.98
N THR A 230 2.39 -12.68 6.62
CA THR A 230 3.68 -13.32 7.02
C THR A 230 4.52 -12.65 8.08
N GLY A 231 4.59 -11.31 8.03
CA GLY A 231 5.59 -10.54 8.75
C GLY A 231 6.83 -10.14 7.89
N GLN A 232 7.03 -10.93 6.85
CA GLN A 232 8.25 -10.87 6.06
C GLN A 232 8.24 -9.70 5.17
N ARG A 233 9.42 -9.36 4.68
CA ARG A 233 9.57 -8.38 3.63
C ARG A 233 9.63 -9.20 2.39
N ALA A 234 9.11 -8.63 1.28
CA ALA A 234 8.87 -9.31 0.06
C ALA A 234 10.16 -9.87 -0.55
N PHE A 235 11.20 -9.17 -0.17
CA PHE A 235 12.49 -9.55 -0.56
C PHE A 235 13.43 -9.51 0.67
N ASP A 236 13.64 -10.62 1.38
CA ASP A 236 14.73 -10.66 2.46
C ASP A 236 16.11 -11.39 2.21
N LEU A 237 17.22 -10.64 2.30
CA LEU A 237 18.61 -11.16 2.43
C LEU A 237 18.88 -11.97 3.66
N ALA A 238 18.25 -11.59 4.78
CA ALA A 238 18.19 -12.43 5.96
C ALA A 238 17.81 -13.88 5.59
N ARG A 239 16.85 -14.03 4.66
CA ARG A 239 16.39 -15.37 4.30
C ARG A 239 17.49 -16.02 3.49
N LEU A 240 18.25 -15.18 2.83
CA LEU A 240 19.13 -15.75 1.90
C LEU A 240 20.27 -16.51 2.72
N ALA A 241 20.75 -15.83 3.76
CA ALA A 241 21.49 -16.41 4.87
C ALA A 241 20.88 -17.61 5.57
N ASN A 242 20.17 -18.49 4.88
CA ASN A 242 19.61 -19.66 5.55
C ASN A 242 19.22 -20.64 4.51
N ASP A 243 19.77 -20.46 3.30
CA ASP A 243 19.29 -21.13 2.10
C ASP A 243 17.75 -21.27 2.11
N ASP A 244 17.07 -20.20 2.45
CA ASP A 244 15.83 -20.05 1.72
C ASP A 244 15.73 -18.77 0.92
N ASP A 245 14.57 -18.59 0.27
CA ASP A 245 14.44 -17.60 -0.81
C ASP A 245 14.23 -16.24 -0.34
N VAL A 246 14.94 -15.37 -1.02
CA VAL A 246 15.05 -13.94 -0.79
C VAL A 246 13.75 -13.39 -1.28
N MET A 247 13.07 -14.24 -2.06
CA MET A 247 11.86 -13.87 -2.77
C MET A 247 10.71 -14.44 -1.98
N LEU A 248 10.00 -13.47 -1.41
CA LEU A 248 8.92 -13.78 -0.47
C LEU A 248 7.86 -14.71 -1.06
N LEU A 249 7.56 -14.51 -2.36
CA LEU A 249 6.69 -15.43 -3.11
C LEU A 249 7.06 -16.83 -3.06
N ASP A 250 8.36 -17.02 -3.18
CA ASP A 250 9.00 -18.23 -3.56
C ASP A 250 9.07 -18.94 -2.25
N TRP A 251 9.42 -18.21 -1.22
CA TRP A 251 9.35 -18.81 0.10
C TRP A 251 8.01 -19.53 0.39
N VAL A 252 6.90 -18.86 0.09
CA VAL A 252 5.60 -19.24 0.56
C VAL A 252 5.31 -20.52 -0.23
N LYS A 253 5.48 -20.44 -1.50
CA LYS A 253 5.36 -21.65 -2.27
C LYS A 253 6.12 -22.89 -1.80
N GLY A 254 7.15 -22.75 -0.93
CA GLY A 254 7.63 -23.83 -0.02
C GLY A 254 6.54 -23.96 1.05
N LEU A 255 5.40 -24.45 0.60
CA LEU A 255 4.07 -24.31 1.21
C LEU A 255 3.53 -25.63 0.77
N LEU A 256 3.60 -25.76 -0.54
CA LEU A 256 3.31 -26.94 -1.32
C LEU A 256 3.95 -28.18 -0.72
N LYS A 257 5.04 -28.66 -1.32
CA LYS A 257 5.80 -29.76 -0.75
C LYS A 257 5.69 -29.68 0.78
N GLU A 258 6.70 -29.12 1.43
CA GLU A 258 6.70 -28.96 2.87
C GLU A 258 5.38 -28.38 3.31
N LYS A 259 4.51 -29.30 3.71
CA LYS A 259 3.07 -29.07 3.81
C LYS A 259 2.68 -28.13 4.93
N LYS A 260 3.64 -27.30 5.39
CA LYS A 260 3.51 -26.66 6.70
C LYS A 260 3.18 -25.14 6.88
N LEU A 261 1.94 -24.91 7.29
CA LEU A 261 1.42 -23.58 7.49
C LEU A 261 2.21 -22.65 8.42
N GLU A 262 2.02 -23.03 9.67
CA GLU A 262 2.78 -22.80 10.85
C GLU A 262 4.05 -22.02 10.71
N ALA A 263 4.89 -22.40 9.78
CA ALA A 263 6.14 -21.70 9.74
C ALA A 263 5.96 -20.36 8.99
N LEU A 264 5.37 -20.44 7.79
CA LEU A 264 5.13 -19.26 6.97
C LEU A 264 4.32 -18.15 7.65
N VAL A 265 3.21 -18.55 8.29
CA VAL A 265 2.28 -17.62 8.92
C VAL A 265 2.93 -16.92 10.09
N ASP A 266 2.88 -15.59 10.07
CA ASP A 266 3.46 -14.67 11.08
C ASP A 266 3.38 -15.12 12.46
N VAL A 267 4.38 -15.90 12.83
CA VAL A 267 4.74 -16.20 14.20
C VAL A 267 3.87 -15.69 15.29
N ASP A 268 3.56 -14.38 15.26
CA ASP A 268 2.78 -13.71 16.34
C ASP A 268 1.23 -13.79 16.26
N LEU A 269 0.70 -14.98 16.05
CA LEU A 269 -0.72 -15.06 15.74
C LEU A 269 -1.12 -16.38 16.26
N GLN A 270 -0.08 -17.15 16.66
CA GLN A 270 -0.20 -18.58 17.10
C GLN A 270 -1.58 -19.34 17.12
N GLY A 271 -2.05 -19.73 18.29
CA GLY A 271 -3.50 -19.91 18.37
C GLY A 271 -4.27 -18.58 18.13
N ASN A 272 -4.56 -18.21 16.88
CA ASN A 272 -5.15 -16.88 16.75
C ASN A 272 -5.52 -16.69 15.33
N TYR A 273 -5.69 -17.81 14.65
CA TYR A 273 -6.24 -17.74 13.32
C TYR A 273 -6.65 -19.11 13.24
N LYS A 274 -7.47 -19.39 12.25
CA LYS A 274 -7.90 -20.74 11.91
C LYS A 274 -7.39 -21.06 10.51
N ASP A 275 -7.05 -22.33 10.41
CA ASP A 275 -6.40 -22.92 9.25
C ASP A 275 -6.94 -22.47 7.92
N GLU A 276 -8.21 -22.72 7.68
CA GLU A 276 -8.78 -22.43 6.37
C GLU A 276 -8.97 -20.91 6.11
N GLU A 277 -8.98 -20.06 7.13
CA GLU A 277 -9.11 -18.59 6.86
C GLU A 277 -7.98 -17.89 6.03
N VAL A 278 -6.92 -18.65 5.88
CA VAL A 278 -5.54 -18.14 5.83
C VAL A 278 -5.13 -18.83 4.56
N GLU A 279 -5.41 -20.12 4.50
CA GLU A 279 -5.48 -20.74 3.19
C GLU A 279 -6.18 -19.78 2.20
N GLN A 280 -7.47 -19.46 2.37
CA GLN A 280 -8.19 -18.63 1.34
C GLN A 280 -7.47 -17.40 0.98
N LEU A 281 -7.06 -16.65 1.99
CA LEU A 281 -6.33 -15.41 1.76
C LEU A 281 -4.96 -15.65 0.96
N ILE A 282 -4.35 -16.83 1.15
CA ILE A 282 -3.10 -17.12 0.50
C ILE A 282 -3.44 -17.45 -0.94
N GLN A 283 -4.36 -18.38 -1.08
CA GLN A 283 -4.96 -18.64 -2.37
C GLN A 283 -5.16 -17.33 -3.12
N VAL A 284 -5.39 -16.29 -2.38
CA VAL A 284 -5.69 -15.10 -3.10
C VAL A 284 -4.46 -14.40 -3.63
N ALA A 285 -3.61 -13.92 -2.75
CA ALA A 285 -2.29 -13.37 -3.14
C ALA A 285 -1.65 -14.22 -4.23
N LEU A 286 -1.76 -15.52 -4.10
CA LEU A 286 -1.35 -16.40 -5.16
C LEU A 286 -2.04 -16.27 -6.50
N LEU A 287 -3.37 -16.10 -6.47
CA LEU A 287 -4.14 -15.87 -7.69
C LEU A 287 -3.66 -14.57 -8.22
N CYS A 288 -3.41 -13.61 -7.37
CA CYS A 288 -2.92 -12.32 -7.79
C CYS A 288 -1.48 -12.09 -8.22
N THR A 289 -0.62 -13.04 -7.87
CA THR A 289 0.80 -12.85 -8.15
C THR A 289 1.19 -13.82 -9.26
N GLN A 290 0.23 -14.63 -9.66
CA GLN A 290 0.50 -15.41 -10.83
C GLN A 290 1.31 -14.68 -11.95
N SER A 291 1.91 -15.47 -12.83
CA SER A 291 2.94 -14.88 -13.69
C SER A 291 2.30 -14.16 -14.82
N SER A 292 1.28 -14.79 -15.43
CA SER A 292 0.48 -14.15 -16.52
C SER A 292 -0.60 -13.13 -16.04
N PRO A 293 -0.48 -11.85 -16.49
CA PRO A 293 -1.40 -10.85 -16.01
C PRO A 293 -2.82 -11.28 -16.20
N MET A 294 -3.04 -11.74 -17.41
CA MET A 294 -4.31 -12.29 -17.84
C MET A 294 -5.12 -13.09 -16.82
N GLU A 295 -4.49 -13.74 -15.85
CA GLU A 295 -5.21 -14.72 -15.02
C GLU A 295 -5.38 -14.25 -13.62
N ARG A 296 -4.82 -13.08 -13.35
CA ARG A 296 -4.93 -12.46 -12.03
C ARG A 296 -6.34 -11.94 -11.88
N PRO A 297 -6.90 -12.01 -10.67
CA PRO A 297 -8.31 -11.54 -10.57
C PRO A 297 -8.21 -10.08 -10.80
N LYS A 298 -9.28 -9.46 -11.29
CA LYS A 298 -9.35 -8.02 -11.37
C LYS A 298 -9.45 -7.62 -9.94
N MET A 299 -9.16 -6.37 -9.59
CA MET A 299 -9.19 -6.04 -8.13
C MET A 299 -10.55 -6.37 -7.51
N SER A 300 -11.61 -6.08 -8.31
CA SER A 300 -13.00 -6.33 -7.93
C SER A 300 -13.37 -7.78 -7.84
N GLU A 301 -12.79 -8.63 -8.71
CA GLU A 301 -13.03 -10.05 -8.44
C GLU A 301 -12.29 -10.38 -7.18
N VAL A 302 -11.26 -9.59 -6.91
CA VAL A 302 -10.55 -9.76 -5.67
C VAL A 302 -11.54 -9.49 -4.45
N VAL A 303 -12.06 -8.25 -4.39
CA VAL A 303 -13.16 -8.02 -3.50
C VAL A 303 -14.26 -9.11 -3.45
N ARG A 304 -14.78 -9.53 -4.58
CA ARG A 304 -15.78 -10.55 -4.36
C ARG A 304 -15.18 -11.61 -3.47
N MET A 305 -14.02 -12.15 -3.89
CA MET A 305 -13.47 -13.32 -3.26
C MET A 305 -13.30 -13.02 -1.77
N LEU A 306 -12.85 -11.82 -1.45
CA LEU A 306 -12.68 -11.57 -0.02
C LEU A 306 -14.04 -11.63 0.60
N GLU A 307 -15.04 -11.18 -0.13
CA GLU A 307 -16.41 -11.15 0.44
C GLU A 307 -17.12 -12.53 0.38
N GLY A 308 -16.47 -13.61 -0.04
CA GLY A 308 -17.04 -14.95 0.10
C GLY A 308 -17.44 -15.58 -1.23
N ASP A 309 -17.05 -14.91 -2.34
CA ASP A 309 -17.60 -15.10 -3.71
C ASP A 309 -16.83 -15.84 -4.84
N GLY A 310 -16.53 -17.14 -4.70
CA GLY A 310 -16.22 -17.96 -5.87
C GLY A 310 -14.77 -18.28 -6.26
N LEU A 311 -13.92 -18.38 -5.25
CA LEU A 311 -12.48 -18.67 -5.40
C LEU A 311 -12.17 -20.06 -5.79
N ALA A 312 -12.93 -21.00 -5.24
CA ALA A 312 -12.45 -22.37 -5.27
C ALA A 312 -12.25 -22.87 -6.72
N GLU A 313 -13.02 -22.36 -7.68
CA GLU A 313 -12.81 -22.79 -9.07
C GLU A 313 -11.81 -21.89 -9.79
N ARG A 314 -11.72 -20.66 -9.30
CA ARG A 314 -10.84 -19.74 -9.98
C ARG A 314 -9.46 -20.39 -9.92
N TRP A 315 -9.40 -21.70 -9.88
CA TRP A 315 -8.06 -22.29 -9.89
C TRP A 315 -7.89 -23.77 -10.14
N GLU A 316 -6.62 -24.06 -10.42
CA GLU A 316 -6.19 -25.23 -11.14
C GLU A 316 -4.78 -25.67 -10.71
#